data_4N8Y
#
_entry.id   4N8Y
#
_cell.length_a   78.798
_cell.length_b   85.705
_cell.length_c   86.246
_cell.angle_alpha   90.00
_cell.angle_beta   90.00
_cell.angle_gamma   90.00
#
_symmetry.space_group_name_H-M   'P 21 21 21'
#
loop_
_entity.id
_entity.type
_entity.pdbx_description
1 polymer 'Putative TRAP-type C4-dicarboxylate transport system, binding periplasmic protein (DctP subunit)'
2 non-polymer 'alpha-D-galactopyranuronic acid'
3 non-polymer 'beta-D-galactopyranuronic acid'
4 water water
#
_entity_poly.entity_id   1
_entity_poly.type   'polypeptide(L)'
_entity_poly.pdbx_seq_one_letter_code
;MKALTGIIAAAVLAVSAPLATARDFRSADVHPADYPTVEAVKFMGKQLAAASGGKLGVKVFPNGALGSEKDTIEQLKIGA
LDMMRINSSPLNNFVPETVALCLPFVFRDTQHMRNVLDGPIGDEILAAMEPAGLVGLAYYDSGARSIYTVKAPVKSLADL
KGLKIRVQQSDLWVGMIQSLGANPTPMPYGEVYTALKTGLVDAAENNWPSYESSRHFEAAKFYNITEHSLAPEVLVMSKK
VWDTLSKEDQALVRKAAKDSVPVMRKLWDEREQASRKAVEAAGVQVVTVANKQEFVDAMKPVYQKFAGDEKLSSLVKRIQ
DTKAENLYFQ
;
_entity_poly.pdbx_strand_id   A,B
#
# COMPACT_ATOMS: atom_id res chain seq x y z
N ARG A 23 14.45 -22.05 -8.79
CA ARG A 23 14.67 -20.78 -8.12
C ARG A 23 13.73 -19.73 -8.70
N ASP A 24 12.80 -19.22 -7.88
CA ASP A 24 11.91 -18.14 -8.34
C ASP A 24 12.43 -16.80 -7.86
N PHE A 25 12.58 -15.88 -8.79
CA PHE A 25 12.91 -14.52 -8.43
C PHE A 25 11.67 -13.81 -7.94
N ARG A 26 11.76 -13.19 -6.79
CA ARG A 26 10.64 -12.41 -6.25
C ARG A 26 10.68 -11.03 -6.84
N SER A 27 9.55 -10.62 -7.41
CA SER A 27 9.46 -9.37 -8.16
C SER A 27 8.31 -8.50 -7.67
N ALA A 28 8.63 -7.25 -7.35
CA ALA A 28 7.66 -6.30 -6.78
C ALA A 28 6.98 -5.39 -7.81
N ASP A 29 5.73 -5.02 -7.55
CA ASP A 29 5.01 -4.02 -8.34
C ASP A 29 3.99 -3.33 -7.45
N VAL A 30 3.86 -2.01 -7.56
CA VAL A 30 2.85 -1.27 -6.80
C VAL A 30 1.42 -1.51 -7.30
N HIS A 31 1.28 -1.97 -8.53
CA HIS A 31 -0.03 -2.03 -9.16
C HIS A 31 -0.80 -3.29 -8.85
N PRO A 32 -2.11 -3.31 -9.14
CA PRO A 32 -2.90 -4.50 -8.84
C PRO A 32 -2.54 -5.73 -9.68
N ALA A 33 -3.05 -6.89 -9.28
CA ALA A 33 -2.64 -8.14 -9.90
C ALA A 33 -2.97 -8.26 -11.39
N ASP A 34 -4.04 -7.59 -11.81
CA ASP A 34 -4.51 -7.65 -13.20
C ASP A 34 -3.87 -6.59 -14.11
N TYR A 35 -2.97 -5.78 -13.56
CA TYR A 35 -2.47 -4.61 -14.28
C TYR A 35 -1.50 -5.06 -15.36
N PRO A 36 -1.41 -4.33 -16.49
CA PRO A 36 -0.55 -4.82 -17.57
C PRO A 36 0.91 -5.09 -17.15
N THR A 37 1.48 -4.31 -16.25
CA THR A 37 2.88 -4.54 -15.89
C THR A 37 3.06 -5.82 -15.09
N VAL A 38 2.03 -6.22 -14.33
CA VAL A 38 2.06 -7.45 -13.53
C VAL A 38 1.83 -8.65 -14.44
N GLU A 39 0.86 -8.56 -15.34
CA GLU A 39 0.63 -9.64 -16.30
C GLU A 39 1.87 -9.87 -17.17
N ALA A 40 2.56 -8.80 -17.52
CA ALA A 40 3.77 -8.91 -18.35
C ALA A 40 4.86 -9.68 -17.62
N VAL A 41 5.03 -9.42 -16.34
CA VAL A 41 6.09 -10.12 -15.62
C VAL A 41 5.69 -11.57 -15.40
N LYS A 42 4.40 -11.82 -15.20
CA LYS A 42 3.93 -13.20 -15.12
C LYS A 42 4.24 -13.95 -16.42
N PHE A 43 4.13 -13.27 -17.55
CA PHE A 43 4.45 -13.88 -18.83
C PHE A 43 5.94 -14.17 -18.92
N MET A 44 6.75 -13.22 -18.50
CA MET A 44 8.18 -13.44 -18.41
C MET A 44 8.46 -14.72 -17.57
N GLY A 45 7.79 -14.86 -16.45
CA GLY A 45 7.98 -16.02 -15.60
C GLY A 45 7.65 -17.33 -16.26
N LYS A 46 6.55 -17.37 -17.00
CA LYS A 46 6.19 -18.56 -17.74
C LYS A 46 7.25 -18.88 -18.79
N GLN A 47 7.73 -17.86 -19.51
CA GLN A 47 8.68 -18.10 -20.57
C GLN A 47 9.99 -18.60 -19.97
N LEU A 48 10.40 -17.99 -18.86
CA LEU A 48 11.67 -18.31 -18.22
C LEU A 48 11.64 -19.73 -17.64
N ALA A 49 10.51 -20.10 -17.04
CA ALA A 49 10.37 -21.45 -16.50
C ALA A 49 10.51 -22.48 -17.62
N ALA A 50 9.84 -22.27 -18.74
CA ALA A 50 9.91 -23.19 -19.87
C ALA A 50 11.34 -23.25 -20.45
N ALA A 51 11.95 -22.08 -20.66
CA ALA A 51 13.25 -21.99 -21.33
C ALA A 51 14.36 -22.60 -20.47
N SER A 52 14.17 -22.50 -19.17
CA SER A 52 15.13 -23.06 -18.20
C SER A 52 14.80 -24.46 -17.66
N GLY A 53 13.80 -25.12 -18.21
CA GLY A 53 13.39 -26.43 -17.75
C GLY A 53 13.03 -26.51 -16.28
N GLY A 54 12.47 -25.43 -15.74
CA GLY A 54 12.02 -25.40 -14.37
C GLY A 54 13.05 -24.86 -13.37
N LYS A 55 14.24 -24.56 -13.85
CA LYS A 55 15.32 -24.08 -13.00
C LYS A 55 15.12 -22.68 -12.47
N LEU A 56 14.56 -21.83 -13.32
CA LEU A 56 14.34 -20.42 -13.01
C LEU A 56 12.88 -20.05 -13.20
N GLY A 57 12.41 -19.04 -12.45
CA GLY A 57 11.05 -18.56 -12.59
C GLY A 57 10.94 -17.20 -11.96
N VAL A 58 9.75 -16.62 -12.02
CA VAL A 58 9.47 -15.33 -11.38
C VAL A 58 8.17 -15.45 -10.63
N LYS A 59 8.13 -14.88 -9.44
CA LYS A 59 6.92 -14.77 -8.64
C LYS A 59 6.68 -13.30 -8.36
N VAL A 60 5.49 -12.82 -8.74
CA VAL A 60 5.17 -11.39 -8.63
C VAL A 60 4.40 -11.11 -7.33
N PHE A 61 4.76 -9.96 -6.74
CA PHE A 61 4.14 -9.46 -5.52
C PHE A 61 3.53 -8.11 -5.82
N PRO A 62 2.25 -8.10 -6.24
CA PRO A 62 1.62 -6.84 -6.63
C PRO A 62 1.14 -6.04 -5.41
N ASN A 63 0.44 -4.95 -5.70
CA ASN A 63 -0.24 -4.12 -4.70
C ASN A 63 0.72 -3.43 -3.73
N GLY A 64 2.02 -3.39 -4.09
CA GLY A 64 2.99 -2.70 -3.26
C GLY A 64 3.22 -3.40 -1.94
N ALA A 65 2.91 -4.69 -1.87
CA ALA A 65 3.07 -5.44 -0.64
C ALA A 65 4.48 -5.33 -0.06
N LEU A 66 5.47 -5.29 -0.93
CA LEU A 66 6.86 -5.34 -0.46
C LEU A 66 7.44 -3.95 -0.24
N GLY A 67 6.66 -2.90 -0.49
CA GLY A 67 7.08 -1.54 -0.24
C GLY A 67 6.82 -0.60 -1.39
N SER A 68 7.18 0.67 -1.19
CA SER A 68 7.06 1.68 -2.25
C SER A 68 8.17 1.45 -3.25
N GLU A 69 8.11 2.13 -4.39
CA GLU A 69 9.13 1.94 -5.41
C GLU A 69 10.53 2.27 -4.89
N LYS A 70 10.66 3.37 -4.13
CA LYS A 70 11.94 3.71 -3.54
C LYS A 70 12.41 2.63 -2.55
N ASP A 71 11.47 2.07 -1.79
CA ASP A 71 11.78 0.96 -0.90
C ASP A 71 12.33 -0.24 -1.66
N THR A 72 11.74 -0.54 -2.81
CA THR A 72 12.17 -1.73 -3.55
C THR A 72 13.51 -1.48 -4.24
N ILE A 73 13.80 -0.23 -4.62
CA ILE A 73 15.16 0.10 -5.08
C ILE A 73 16.17 -0.22 -4.00
N GLU A 74 15.89 0.22 -2.77
CA GLU A 74 16.76 -0.04 -1.61
C GLU A 74 16.96 -1.54 -1.40
N GLN A 75 15.87 -2.29 -1.47
CA GLN A 75 15.97 -3.74 -1.25
C GLN A 75 16.80 -4.43 -2.35
N LEU A 76 16.65 -3.99 -3.60
CA LEU A 76 17.46 -4.57 -4.68
C LEU A 76 18.95 -4.30 -4.43
N LYS A 77 19.25 -3.09 -3.96
CA LYS A 77 20.64 -2.67 -3.78
C LYS A 77 21.35 -3.56 -2.79
N ILE A 78 20.64 -3.93 -1.71
CA ILE A 78 21.26 -4.76 -0.68
C ILE A 78 21.07 -6.26 -0.90
N GLY A 79 20.35 -6.63 -1.95
CA GLY A 79 20.15 -8.02 -2.31
C GLY A 79 18.97 -8.69 -1.64
N ALA A 80 18.12 -7.90 -1.01
CA ALA A 80 17.01 -8.40 -0.20
C ALA A 80 15.76 -8.68 -1.02
N LEU A 81 15.74 -8.15 -2.24
CA LEU A 81 14.65 -8.37 -3.20
C LEU A 81 15.28 -8.65 -4.56
N ASP A 82 14.79 -9.65 -5.28
CA ASP A 82 15.42 -10.04 -6.53
C ASP A 82 15.13 -9.08 -7.67
N MET A 83 13.86 -8.69 -7.82
CA MET A 83 13.40 -7.92 -8.99
C MET A 83 12.38 -6.87 -8.62
N MET A 84 12.30 -5.84 -9.44
CA MET A 84 11.23 -4.86 -9.31
C MET A 84 10.82 -4.36 -10.68
N ARG A 85 9.54 -4.04 -10.76
CA ARG A 85 8.98 -3.31 -11.91
C ARG A 85 8.55 -1.97 -11.36
N ILE A 86 9.27 -0.92 -11.76
CA ILE A 86 9.03 0.43 -11.24
C ILE A 86 9.06 1.41 -12.43
N ASN A 87 8.71 2.65 -12.17
CA ASN A 87 8.90 3.67 -13.18
C ASN A 87 10.37 4.09 -13.20
N SER A 88 10.81 4.64 -14.35
CA SER A 88 12.18 5.10 -14.44
C SER A 88 12.41 6.33 -13.56
N SER A 89 11.36 7.11 -13.27
CA SER A 89 11.54 8.36 -12.54
C SER A 89 12.16 8.26 -11.15
N PRO A 90 11.68 7.34 -10.29
CA PRO A 90 12.38 7.19 -9.00
C PRO A 90 13.81 6.74 -9.12
N LEU A 91 14.27 6.32 -10.30
CA LEU A 91 15.68 6.02 -10.47
C LEU A 91 16.49 7.24 -10.87
N ASN A 92 15.82 8.36 -11.17
CA ASN A 92 16.54 9.54 -11.63
C ASN A 92 17.69 9.93 -10.70
N ASN A 93 17.45 9.88 -9.40
CA ASN A 93 18.46 10.26 -8.41
C ASN A 93 19.55 9.20 -8.20
N PHE A 94 19.31 7.98 -8.67
CA PHE A 94 20.22 6.84 -8.45
C PHE A 94 21.05 6.54 -9.70
N VAL A 95 20.42 6.70 -10.86
CA VAL A 95 21.00 6.39 -12.14
C VAL A 95 20.71 7.57 -13.07
N PRO A 96 21.64 8.55 -13.16
CA PRO A 96 21.38 9.81 -13.86
C PRO A 96 20.91 9.62 -15.30
N GLU A 97 21.36 8.55 -15.94
CA GLU A 97 21.00 8.30 -17.33
C GLU A 97 19.49 8.17 -17.54
N THR A 98 18.76 7.75 -16.51
CA THR A 98 17.32 7.59 -16.65
C THR A 98 16.61 8.94 -16.81
N VAL A 99 17.27 10.03 -16.41
CA VAL A 99 16.72 11.38 -16.61
C VAL A 99 16.34 11.61 -18.06
N ALA A 100 17.18 11.12 -18.98
CA ALA A 100 16.97 11.33 -20.41
C ALA A 100 15.62 10.82 -20.88
N LEU A 101 15.11 9.77 -20.24
CA LEU A 101 13.87 9.15 -20.64
C LEU A 101 12.66 9.86 -20.07
N CYS A 102 12.88 10.67 -19.03
CA CYS A 102 11.79 11.24 -18.25
C CYS A 102 11.53 12.72 -18.55
N LEU A 103 12.46 13.37 -19.25
CA LEU A 103 12.35 14.78 -19.60
C LEU A 103 11.06 15.10 -20.31
N PRO A 104 10.57 16.33 -20.12
CA PRO A 104 9.33 16.73 -20.80
C PRO A 104 9.53 16.90 -22.29
N PHE A 105 8.64 16.29 -23.06
CA PHE A 105 8.61 16.45 -24.51
C PHE A 105 9.89 15.98 -25.17
N VAL A 106 10.54 14.99 -24.58
CA VAL A 106 11.73 14.42 -25.22
C VAL A 106 11.32 13.36 -26.25
N PHE A 107 10.20 12.68 -26.01
CA PHE A 107 9.62 11.72 -26.95
C PHE A 107 8.43 12.37 -27.65
N ARG A 108 8.41 12.31 -28.98
CA ARG A 108 7.35 12.94 -29.73
C ARG A 108 6.05 12.17 -29.54
N ASP A 109 6.14 10.86 -29.50
CA ASP A 109 4.96 10.02 -29.43
C ASP A 109 5.38 8.63 -29.00
N THR A 110 4.40 7.75 -28.87
CA THR A 110 4.62 6.40 -28.41
C THR A 110 5.59 5.62 -29.30
N GLN A 111 5.41 5.70 -30.61
CA GLN A 111 6.22 4.92 -31.51
C GLN A 111 7.69 5.35 -31.43
N HIS A 112 7.90 6.65 -31.30
CA HIS A 112 9.23 7.21 -31.12
C HIS A 112 9.88 6.61 -29.88
N MET A 113 9.16 6.66 -28.76
CA MET A 113 9.63 6.04 -27.53
C MET A 113 9.96 4.57 -27.71
N ARG A 114 9.04 3.79 -28.27
CA ARG A 114 9.28 2.37 -28.42
C ARG A 114 10.54 2.08 -29.28
N ASN A 115 10.74 2.83 -30.36
CA ASN A 115 11.96 2.69 -31.17
C ASN A 115 13.21 2.90 -30.35
N VAL A 116 13.19 3.95 -29.54
CA VAL A 116 14.35 4.31 -28.73
C VAL A 116 14.63 3.25 -27.68
N LEU A 117 13.60 2.90 -26.92
CA LEU A 117 13.77 1.94 -25.82
C LEU A 117 14.15 0.55 -26.28
N ASP A 118 13.64 0.14 -27.44
CA ASP A 118 13.89 -1.21 -27.95
C ASP A 118 15.31 -1.32 -28.49
N GLY A 119 15.87 -0.19 -28.90
CA GLY A 119 17.16 -0.16 -29.57
C GLY A 119 18.33 0.01 -28.64
N PRO A 120 19.50 0.35 -29.21
CA PRO A 120 20.74 0.52 -28.46
C PRO A 120 20.69 1.55 -27.35
N ILE A 121 19.94 2.63 -27.53
CA ILE A 121 19.89 3.64 -26.48
C ILE A 121 19.21 3.05 -25.25
N GLY A 122 18.12 2.33 -25.46
CA GLY A 122 17.45 1.67 -24.35
C GLY A 122 18.34 0.67 -23.64
N ASP A 123 19.02 -0.16 -24.42
CA ASP A 123 19.92 -1.16 -23.80
C ASP A 123 21.05 -0.47 -23.03
N GLU A 124 21.60 0.63 -23.56
CA GLU A 124 22.66 1.33 -22.84
C GLU A 124 22.22 1.85 -21.49
N ILE A 125 21.03 2.42 -21.40
CA ILE A 125 20.56 2.98 -20.15
C ILE A 125 20.25 1.86 -19.13
N LEU A 126 19.79 0.71 -19.60
CA LEU A 126 19.59 -0.43 -18.71
C LEU A 126 20.91 -0.92 -18.13
N ALA A 127 21.95 -0.91 -18.95
CA ALA A 127 23.27 -1.33 -18.50
C ALA A 127 23.89 -0.33 -17.54
N ALA A 128 23.56 0.95 -17.73
CA ALA A 128 24.09 2.02 -16.88
C ALA A 128 23.57 1.97 -15.44
N MET A 129 22.67 1.03 -15.16
CA MET A 129 22.16 0.89 -13.82
C MET A 129 23.14 0.15 -12.92
N GLU A 130 24.10 -0.55 -13.53
CA GLU A 130 24.94 -1.48 -12.79
C GLU A 130 25.76 -0.80 -11.70
N PRO A 131 26.28 0.41 -11.96
CA PRO A 131 26.99 1.11 -10.88
C PRO A 131 26.14 1.35 -9.63
N ALA A 132 24.82 1.34 -9.78
CA ALA A 132 23.92 1.53 -8.65
C ALA A 132 23.53 0.20 -8.00
N GLY A 133 24.10 -0.89 -8.47
CA GLY A 133 23.80 -2.22 -7.93
C GLY A 133 22.55 -2.83 -8.53
N LEU A 134 22.23 -2.41 -9.75
CA LEU A 134 20.97 -2.77 -10.39
C LEU A 134 21.26 -3.23 -11.82
N VAL A 135 20.49 -4.19 -12.32
CA VAL A 135 20.64 -4.59 -13.72
C VAL A 135 19.31 -4.41 -14.43
N GLY A 136 19.25 -3.49 -15.38
CA GLY A 136 18.04 -3.29 -16.15
C GLY A 136 17.85 -4.42 -17.13
N LEU A 137 16.61 -4.95 -17.19
CA LEU A 137 16.30 -6.08 -18.06
C LEU A 137 15.42 -5.69 -19.28
N ALA A 138 14.47 -4.80 -19.08
CA ALA A 138 13.54 -4.41 -20.14
C ALA A 138 12.77 -3.16 -19.76
N TYR A 139 12.12 -2.54 -20.74
CA TYR A 139 11.24 -1.41 -20.50
C TYR A 139 9.82 -1.81 -20.75
N TYR A 140 8.90 -1.32 -19.91
CA TYR A 140 7.49 -1.40 -20.24
C TYR A 140 6.90 0.00 -20.50
N ASP A 141 5.88 0.06 -21.34
CA ASP A 141 5.22 1.32 -21.64
C ASP A 141 4.50 1.92 -20.44
N SER A 142 4.43 3.24 -20.39
CA SER A 142 3.62 3.93 -19.37
C SER A 142 2.79 5.08 -19.95
N GLY A 143 2.55 5.05 -21.25
CA GLY A 143 1.76 6.09 -21.86
C GLY A 143 2.38 7.45 -21.65
N ALA A 144 1.53 8.47 -21.72
CA ALA A 144 1.92 9.84 -21.42
C ALA A 144 1.24 10.30 -20.13
N ARG A 145 1.98 11.03 -19.33
CA ARG A 145 1.46 11.54 -18.06
C ARG A 145 0.81 12.89 -18.23
N SER A 146 -0.34 13.09 -17.58
CA SER A 146 -1.10 14.35 -17.66
C SER A 146 -1.56 14.76 -16.27
N ILE A 147 -1.71 16.05 -16.06
CA ILE A 147 -2.09 16.61 -14.78
C ILE A 147 -3.57 16.49 -14.52
N TYR A 148 -3.94 15.91 -13.37
CA TYR A 148 -5.33 15.91 -12.95
C TYR A 148 -5.51 16.72 -11.68
N THR A 149 -6.59 17.50 -11.66
CA THR A 149 -6.83 18.46 -10.59
C THR A 149 -8.15 18.19 -9.86
N VAL A 150 -8.22 18.68 -8.62
CA VAL A 150 -9.38 18.48 -7.77
C VAL A 150 -10.44 19.56 -7.97
N LYS A 151 -9.98 20.80 -7.99
CA LYS A 151 -10.87 21.95 -7.88
C LYS A 151 -11.33 22.50 -9.22
N ALA A 152 -10.41 22.64 -10.17
CA ALA A 152 -10.74 23.33 -11.42
C ALA A 152 -9.94 22.82 -12.62
N PRO A 153 -10.48 23.00 -13.83
CA PRO A 153 -9.71 22.62 -15.04
C PRO A 153 -8.40 23.38 -15.20
N VAL A 154 -7.45 22.76 -15.90
CA VAL A 154 -6.24 23.44 -16.34
C VAL A 154 -6.30 23.58 -17.85
N LYS A 155 -6.50 24.81 -18.32
CA LYS A 155 -6.65 25.11 -19.75
C LYS A 155 -5.37 25.66 -20.35
N SER A 156 -4.57 26.28 -19.49
CA SER A 156 -3.32 26.85 -19.91
C SER A 156 -2.34 26.86 -18.76
N LEU A 157 -1.11 27.20 -19.09
CA LEU A 157 -0.04 27.26 -18.14
C LEU A 157 -0.44 28.07 -16.90
N ALA A 158 -1.15 29.18 -17.11
CA ALA A 158 -1.52 30.07 -16.01
C ALA A 158 -2.38 29.41 -14.91
N ASP A 159 -3.15 28.39 -15.25
CA ASP A 159 -4.02 27.77 -14.25
C ASP A 159 -3.22 26.93 -13.26
N LEU A 160 -1.95 26.65 -13.56
CA LEU A 160 -1.08 25.86 -12.68
C LEU A 160 -0.36 26.71 -11.63
N LYS A 161 -0.47 28.02 -11.75
CA LYS A 161 0.32 28.90 -10.91
C LYS A 161 0.01 28.68 -9.43
N GLY A 162 1.03 28.31 -8.66
CA GLY A 162 0.89 28.12 -7.22
C GLY A 162 0.17 26.84 -6.80
N LEU A 163 -0.16 25.98 -7.76
CA LEU A 163 -0.83 24.72 -7.48
C LEU A 163 0.10 23.74 -6.78
N LYS A 164 -0.41 23.04 -5.76
CA LYS A 164 0.36 21.98 -5.10
C LYS A 164 0.15 20.69 -5.86
N ILE A 165 1.22 20.18 -6.46
CA ILE A 165 1.14 19.04 -7.36
C ILE A 165 2.05 17.95 -6.84
N ARG A 166 1.49 16.78 -6.57
CA ARG A 166 2.32 15.66 -6.18
C ARG A 166 3.20 15.24 -7.35
N VAL A 167 4.45 14.91 -7.06
CA VAL A 167 5.35 14.32 -8.04
C VAL A 167 6.00 13.09 -7.45
N GLN A 168 6.61 12.30 -8.31
CA GLN A 168 7.43 11.19 -7.85
C GLN A 168 8.70 11.70 -7.19
N GLN A 169 9.40 10.80 -6.52
CA GLN A 169 10.56 11.16 -5.72
C GLN A 169 11.80 11.23 -6.60
N SER A 170 11.93 12.40 -7.23
CA SER A 170 12.91 12.65 -8.26
C SER A 170 13.26 14.13 -8.30
N ASP A 171 14.54 14.45 -8.29
CA ASP A 171 14.96 15.85 -8.35
C ASP A 171 14.47 16.51 -9.63
N LEU A 172 14.65 15.81 -10.75
CA LEU A 172 14.14 16.29 -12.05
C LEU A 172 12.66 16.69 -11.99
N TRP A 173 11.85 15.81 -11.43
CA TRP A 173 10.42 16.05 -11.40
C TRP A 173 10.04 17.25 -10.53
N VAL A 174 10.75 17.40 -9.42
CA VAL A 174 10.59 18.60 -8.61
C VAL A 174 10.90 19.81 -9.48
N GLY A 175 11.97 19.75 -10.26
CA GLY A 175 12.30 20.82 -11.19
C GLY A 175 11.27 21.05 -12.29
N MET A 176 10.70 19.97 -12.82
CA MET A 176 9.73 20.06 -13.88
C MET A 176 8.49 20.83 -13.43
N ILE A 177 7.98 20.47 -12.26
CA ILE A 177 6.79 21.12 -11.74
C ILE A 177 7.08 22.58 -11.37
N GLN A 178 8.24 22.86 -10.81
CA GLN A 178 8.60 24.26 -10.51
C GLN A 178 8.66 25.08 -11.80
N SER A 179 9.09 24.48 -12.89
CA SER A 179 9.22 25.21 -14.15
C SER A 179 7.85 25.59 -14.69
N LEU A 180 6.81 24.90 -14.22
CA LEU A 180 5.43 25.20 -14.62
C LEU A 180 4.80 26.25 -13.69
N GLY A 181 5.60 26.77 -12.76
CA GLY A 181 5.13 27.78 -11.84
C GLY A 181 4.28 27.22 -10.71
N ALA A 182 4.37 25.90 -10.52
CA ALA A 182 3.63 25.18 -9.49
C ALA A 182 4.57 24.70 -8.38
N ASN A 183 4.00 24.09 -7.35
CA ASN A 183 4.76 23.73 -6.17
C ASN A 183 4.71 22.21 -5.97
N PRO A 184 5.86 21.54 -6.16
CA PRO A 184 5.89 20.07 -6.09
C PRO A 184 5.96 19.53 -4.67
N THR A 185 5.27 18.42 -4.44
CA THR A 185 5.43 17.64 -3.21
C THR A 185 5.78 16.20 -3.62
N PRO A 186 7.03 15.79 -3.46
CA PRO A 186 7.40 14.39 -3.72
C PRO A 186 6.79 13.44 -2.72
N MET A 187 6.20 12.34 -3.20
CA MET A 187 5.68 11.33 -2.31
C MET A 187 5.45 10.06 -3.10
N PRO A 188 5.47 8.94 -2.37
CA PRO A 188 5.21 7.64 -2.98
C PRO A 188 3.80 7.48 -3.51
N TYR A 189 3.67 6.70 -4.58
CA TYR A 189 2.40 6.48 -5.27
C TYR A 189 1.23 6.19 -4.34
N GLY A 190 1.45 5.27 -3.41
CA GLY A 190 0.40 4.83 -2.52
C GLY A 190 -0.19 5.86 -1.56
N GLU A 191 0.55 6.94 -1.33
CA GLU A 191 0.11 8.04 -0.48
C GLU A 191 -0.70 9.10 -1.21
N VAL A 192 -0.80 9.00 -2.53
CA VAL A 192 -1.37 10.10 -3.31
C VAL A 192 -2.88 10.23 -3.16
N TYR A 193 -3.61 9.12 -3.12
CA TYR A 193 -5.05 9.19 -3.04
C TYR A 193 -5.48 10.00 -1.82
N THR A 194 -4.98 9.65 -0.64
CA THR A 194 -5.44 10.32 0.55
C THR A 194 -4.95 11.79 0.56
N ALA A 195 -3.80 12.06 -0.06
CA ALA A 195 -3.30 13.45 -0.14
C ALA A 195 -4.24 14.33 -0.96
N LEU A 196 -4.75 13.78 -2.06
CA LEU A 196 -5.75 14.49 -2.86
C LEU A 196 -7.04 14.66 -2.06
N LYS A 197 -7.48 13.61 -1.38
CA LYS A 197 -8.76 13.66 -0.69
C LYS A 197 -8.79 14.59 0.49
N THR A 198 -7.66 14.77 1.16
CA THR A 198 -7.60 15.55 2.38
C THR A 198 -7.09 16.96 2.12
N GLY A 199 -6.71 17.27 0.88
CA GLY A 199 -6.29 18.63 0.53
C GLY A 199 -4.81 18.90 0.70
N LEU A 200 -4.04 17.87 1.00
CA LEU A 200 -2.59 18.00 1.13
C LEU A 200 -1.96 18.48 -0.19
N VAL A 201 -2.47 17.97 -1.31
CA VAL A 201 -2.10 18.47 -2.63
C VAL A 201 -3.37 18.75 -3.40
N ASP A 202 -3.23 19.56 -4.45
CA ASP A 202 -4.32 20.02 -5.29
C ASP A 202 -4.43 19.20 -6.56
N ALA A 203 -3.39 18.42 -6.83
CA ALA A 203 -3.26 17.79 -8.14
C ALA A 203 -2.19 16.69 -8.08
N ALA A 204 -2.24 15.76 -9.04
CA ALA A 204 -1.14 14.87 -9.31
C ALA A 204 -1.10 14.67 -10.81
N GLU A 205 -0.25 13.77 -11.28
CA GLU A 205 -0.15 13.58 -12.73
C GLU A 205 0.21 12.15 -13.07
N ASN A 206 -0.40 11.62 -14.12
CA ASN A 206 -0.19 10.22 -14.48
C ASN A 206 -0.88 9.86 -15.76
N ASN A 207 -0.67 8.63 -16.19
CA ASN A 207 -1.33 8.10 -17.38
C ASN A 207 -2.78 7.67 -17.08
N TRP A 208 -3.51 7.26 -18.11
CA TRP A 208 -4.93 6.93 -17.93
C TRP A 208 -5.12 5.70 -17.03
N PRO A 209 -4.37 4.61 -17.27
CA PRO A 209 -4.65 3.45 -16.43
C PRO A 209 -4.31 3.65 -14.97
N SER A 210 -3.30 4.46 -14.68
CA SER A 210 -2.98 4.74 -13.28
C SER A 210 -4.02 5.63 -12.63
N TYR A 211 -4.46 6.65 -13.34
CA TYR A 211 -5.49 7.56 -12.85
C TYR A 211 -6.76 6.78 -12.49
N GLU A 212 -7.11 5.80 -13.30
CA GLU A 212 -8.20 4.90 -13.01
C GLU A 212 -7.92 3.93 -11.85
N SER A 213 -6.89 3.10 -11.99
N SER A 213 -6.89 3.09 -12.03
CA SER A 213 -6.68 1.99 -11.04
CA SER A 213 -6.56 2.01 -11.09
C SER A 213 -6.35 2.47 -9.63
C SER A 213 -6.41 2.50 -9.66
N SER A 214 -5.69 3.61 -9.51
CA SER A 214 -5.40 4.22 -8.21
C SER A 214 -6.62 4.78 -7.48
N ARG A 215 -7.72 4.93 -8.20
CA ARG A 215 -8.93 5.63 -7.78
C ARG A 215 -8.71 7.15 -7.67
N HIS A 216 -7.60 7.65 -8.19
CA HIS A 216 -7.40 9.10 -8.16
C HIS A 216 -8.51 9.82 -8.87
N PHE A 217 -9.12 9.18 -9.86
CA PHE A 217 -10.20 9.85 -10.61
C PHE A 217 -11.38 10.15 -9.72
N GLU A 218 -11.52 9.43 -8.61
CA GLU A 218 -12.62 9.69 -7.69
C GLU A 218 -12.32 10.87 -6.77
N ALA A 219 -11.06 11.27 -6.70
CA ALA A 219 -10.64 12.42 -5.90
C ALA A 219 -10.42 13.67 -6.74
N ALA A 220 -10.05 13.51 -8.00
CA ALA A 220 -9.64 14.60 -8.88
C ALA A 220 -10.32 14.41 -10.21
N LYS A 221 -11.43 15.10 -10.46
CA LYS A 221 -12.31 14.76 -11.58
C LYS A 221 -11.95 15.46 -12.88
N PHE A 222 -10.96 16.34 -12.85
CA PHE A 222 -10.50 17.00 -14.06
C PHE A 222 -9.22 16.36 -14.55
N TYR A 223 -9.26 15.71 -15.70
CA TYR A 223 -8.08 15.14 -16.30
C TYR A 223 -7.68 16.05 -17.46
N ASN A 224 -6.60 16.81 -17.23
CA ASN A 224 -6.17 17.85 -18.14
C ASN A 224 -5.03 17.33 -19.02
N ILE A 225 -5.29 17.18 -20.32
CA ILE A 225 -4.35 16.45 -21.17
C ILE A 225 -3.11 17.28 -21.51
N THR A 226 -2.10 17.18 -20.65
CA THR A 226 -0.86 17.94 -20.80
C THR A 226 0.25 17.12 -21.45
N GLU A 227 0.20 15.80 -21.25
CA GLU A 227 1.14 14.85 -21.86
C GLU A 227 2.60 15.31 -21.75
N HIS A 228 2.98 15.70 -20.53
CA HIS A 228 4.24 16.38 -20.27
C HIS A 228 5.42 15.44 -19.99
N SER A 229 5.19 14.14 -19.96
CA SER A 229 6.28 13.18 -19.89
C SER A 229 5.82 11.84 -20.41
N LEU A 230 6.74 11.06 -21.00
CA LEU A 230 6.47 9.68 -21.39
C LEU A 230 7.39 8.70 -20.64
N ALA A 231 7.90 9.15 -19.49
CA ALA A 231 8.74 8.33 -18.62
C ALA A 231 8.27 6.88 -18.58
N PRO A 232 9.10 5.94 -19.08
CA PRO A 232 8.68 4.54 -19.13
C PRO A 232 8.97 3.73 -17.87
N GLU A 233 8.41 2.52 -17.81
CA GLU A 233 8.74 1.60 -16.73
C GLU A 233 10.03 0.88 -17.01
N VAL A 234 10.69 0.43 -15.95
CA VAL A 234 11.82 -0.48 -16.05
C VAL A 234 11.56 -1.71 -15.21
N LEU A 235 12.03 -2.82 -15.75
CA LEU A 235 12.07 -4.10 -15.06
C LEU A 235 13.53 -4.34 -14.75
N VAL A 236 13.81 -4.56 -13.48
CA VAL A 236 15.19 -4.50 -12.95
C VAL A 236 15.47 -5.67 -12.00
N MET A 237 16.70 -6.19 -12.04
CA MET A 237 17.15 -7.22 -11.11
C MET A 237 18.25 -6.67 -10.22
N SER A 238 18.29 -7.14 -8.98
CA SER A 238 19.38 -6.84 -8.08
C SER A 238 20.68 -7.33 -8.69
N LYS A 239 21.69 -6.50 -8.75
CA LYS A 239 22.96 -6.94 -9.31
C LYS A 239 23.59 -8.09 -8.50
N LYS A 240 23.41 -8.06 -7.19
CA LYS A 240 23.92 -9.13 -6.33
C LYS A 240 23.31 -10.48 -6.70
N VAL A 241 22.01 -10.50 -7.00
CA VAL A 241 21.34 -11.73 -7.43
C VAL A 241 21.79 -12.13 -8.84
N TRP A 242 21.78 -11.15 -9.75
CA TRP A 242 22.24 -11.36 -11.11
C TRP A 242 23.61 -12.04 -11.16
N ASP A 243 24.53 -11.56 -10.31
CA ASP A 243 25.90 -12.07 -10.34
C ASP A 243 26.04 -13.49 -9.83
N THR A 244 24.99 -14.05 -9.22
CA THR A 244 25.04 -15.45 -8.79
C THR A 244 24.61 -16.37 -9.93
N LEU A 245 24.16 -15.80 -11.04
CA LEU A 245 23.65 -16.59 -12.14
C LEU A 245 24.75 -16.87 -13.12
N SER A 246 24.66 -18.01 -13.81
CA SER A 246 25.58 -18.32 -14.90
C SER A 246 25.36 -17.40 -16.09
N LYS A 247 26.36 -17.30 -16.94
CA LYS A 247 26.23 -16.51 -18.16
C LYS A 247 25.01 -16.93 -18.95
N GLU A 248 24.77 -18.24 -19.01
CA GLU A 248 23.68 -18.78 -19.81
C GLU A 248 22.33 -18.46 -19.19
N ASP A 249 22.24 -18.57 -17.86
CA ASP A 249 21.00 -18.21 -17.17
C ASP A 249 20.71 -16.73 -17.32
N GLN A 250 21.75 -15.92 -17.31
CA GLN A 250 21.58 -14.48 -17.51
C GLN A 250 20.95 -14.21 -18.87
N ALA A 251 21.42 -14.91 -19.90
CA ALA A 251 20.88 -14.71 -21.25
C ALA A 251 19.40 -15.10 -21.30
N LEU A 252 19.03 -16.18 -20.61
CA LEU A 252 17.65 -16.61 -20.57
C LEU A 252 16.79 -15.59 -19.88
N VAL A 253 17.30 -15.01 -18.80
CA VAL A 253 16.54 -14.03 -18.05
C VAL A 253 16.28 -12.81 -18.92
N ARG A 254 17.31 -12.35 -19.62
CA ARG A 254 17.13 -11.20 -20.50
C ARG A 254 16.10 -11.47 -21.58
N LYS A 255 16.17 -12.65 -22.18
CA LYS A 255 15.33 -12.97 -23.33
C LYS A 255 13.87 -13.07 -22.89
N ALA A 256 13.64 -13.63 -21.71
CA ALA A 256 12.29 -13.73 -21.19
C ALA A 256 11.73 -12.34 -20.91
N ALA A 257 12.58 -11.47 -20.37
CA ALA A 257 12.16 -10.10 -20.08
C ALA A 257 11.83 -9.37 -21.38
N LYS A 258 12.71 -9.47 -22.37
CA LYS A 258 12.46 -8.79 -23.64
C LYS A 258 11.22 -9.35 -24.33
N ASP A 259 11.02 -10.65 -24.26
CA ASP A 259 9.85 -11.26 -24.90
C ASP A 259 8.55 -10.74 -24.29
N SER A 260 8.61 -10.28 -23.05
CA SER A 260 7.40 -9.85 -22.36
C SER A 260 7.02 -8.42 -22.75
N VAL A 261 7.91 -7.70 -23.42
CA VAL A 261 7.62 -6.30 -23.78
C VAL A 261 6.47 -6.19 -24.79
N PRO A 262 6.51 -6.97 -25.88
CA PRO A 262 5.38 -6.83 -26.81
C PRO A 262 4.06 -7.32 -26.20
N VAL A 263 4.13 -8.28 -25.29
CA VAL A 263 2.94 -8.75 -24.58
C VAL A 263 2.37 -7.64 -23.71
N MET A 264 3.26 -6.95 -23.01
CA MET A 264 2.88 -5.84 -22.17
C MET A 264 2.18 -4.77 -23.03
N ARG A 265 2.78 -4.44 -24.16
CA ARG A 265 2.23 -3.39 -25.02
C ARG A 265 0.83 -3.71 -25.53
N LYS A 266 0.58 -4.94 -25.95
CA LYS A 266 -0.77 -5.33 -26.39
C LYS A 266 -1.79 -5.11 -25.26
N LEU A 267 -1.43 -5.46 -24.04
CA LEU A 267 -2.33 -5.27 -22.90
C LEU A 267 -2.50 -3.79 -22.58
N TRP A 268 -1.38 -3.09 -22.62
CA TRP A 268 -1.32 -1.68 -22.24
C TRP A 268 -2.19 -0.81 -23.15
N ASP A 269 -2.01 -0.93 -24.45
CA ASP A 269 -2.75 -0.09 -25.37
C ASP A 269 -4.27 -0.30 -25.20
N GLU A 270 -4.68 -1.54 -24.95
CA GLU A 270 -6.09 -1.84 -24.69
C GLU A 270 -6.54 -1.22 -23.36
N ARG A 271 -5.70 -1.33 -22.35
CA ARG A 271 -6.02 -0.79 -21.04
C ARG A 271 -6.17 0.75 -21.02
N GLU A 272 -5.35 1.45 -21.81
CA GLU A 272 -5.50 2.90 -21.90
C GLU A 272 -6.89 3.26 -22.35
N GLN A 273 -7.42 2.51 -23.30
CA GLN A 273 -8.75 2.79 -23.82
C GLN A 273 -9.80 2.37 -22.80
N ALA A 274 -9.66 1.19 -22.20
CA ALA A 274 -10.64 0.75 -21.21
C ALA A 274 -10.69 1.72 -20.01
N SER A 275 -9.53 2.20 -19.58
CA SER A 275 -9.45 3.06 -18.41
C SER A 275 -10.06 4.44 -18.70
N ARG A 276 -9.77 4.99 -19.87
CA ARG A 276 -10.37 6.27 -20.21
C ARG A 276 -11.90 6.14 -20.26
N LYS A 277 -12.40 5.08 -20.89
CA LYS A 277 -13.84 4.85 -20.98
C LYS A 277 -14.46 4.76 -19.57
N ALA A 278 -13.81 4.03 -18.68
CA ALA A 278 -14.35 3.86 -17.33
C ALA A 278 -14.43 5.17 -16.56
N VAL A 279 -13.37 5.97 -16.57
CA VAL A 279 -13.40 7.19 -15.78
C VAL A 279 -14.35 8.21 -16.41
N GLU A 280 -14.49 8.25 -17.74
CA GLU A 280 -15.52 9.10 -18.34
C GLU A 280 -16.92 8.66 -17.94
N ALA A 281 -17.14 7.35 -17.87
CA ALA A 281 -18.45 6.85 -17.45
C ALA A 281 -18.75 7.26 -15.99
N ALA A 282 -17.69 7.50 -15.20
CA ALA A 282 -17.84 7.88 -13.81
C ALA A 282 -17.96 9.39 -13.60
N GLY A 283 -17.87 10.14 -14.69
CA GLY A 283 -18.12 11.58 -14.67
C GLY A 283 -16.90 12.48 -14.76
N VAL A 284 -15.73 11.90 -15.03
CA VAL A 284 -14.53 12.70 -15.21
C VAL A 284 -14.70 13.71 -16.35
N GLN A 285 -14.19 14.91 -16.13
CA GLN A 285 -14.14 15.94 -17.18
C GLN A 285 -12.78 15.93 -17.86
N VAL A 286 -12.78 15.58 -19.14
CA VAL A 286 -11.56 15.54 -19.93
C VAL A 286 -11.32 16.93 -20.53
N VAL A 287 -10.19 17.52 -20.18
CA VAL A 287 -9.90 18.93 -20.46
C VAL A 287 -8.77 19.04 -21.46
N THR A 288 -8.99 19.85 -22.51
CA THR A 288 -7.98 20.08 -23.53
C THR A 288 -7.12 21.29 -23.16
N VAL A 289 -5.81 21.20 -23.37
CA VAL A 289 -4.93 22.36 -23.27
C VAL A 289 -4.62 22.74 -24.71
N ALA A 290 -5.11 23.90 -25.12
CA ALA A 290 -5.06 24.27 -26.53
C ALA A 290 -3.61 24.43 -27.00
N ASN A 291 -2.83 25.20 -26.24
CA ASN A 291 -1.49 25.57 -26.67
C ASN A 291 -0.39 24.87 -25.86
N LYS A 292 -0.03 23.65 -26.25
CA LYS A 292 1.02 22.93 -25.55
C LYS A 292 2.40 23.56 -25.71
N GLN A 293 2.61 24.34 -26.77
CA GLN A 293 3.89 24.99 -26.98
C GLN A 293 4.29 25.83 -25.74
N GLU A 294 3.29 26.39 -25.08
CA GLU A 294 3.49 27.11 -23.80
C GLU A 294 4.22 26.24 -22.79
N PHE A 295 3.80 24.98 -22.72
CA PHE A 295 4.37 24.05 -21.75
C PHE A 295 5.77 23.67 -22.17
N VAL A 296 5.94 23.38 -23.46
CA VAL A 296 7.25 22.99 -23.99
C VAL A 296 8.29 24.06 -23.63
N ASP A 297 7.98 25.31 -23.93
CA ASP A 297 8.93 26.39 -23.68
C ASP A 297 9.16 26.64 -22.17
N ALA A 298 8.11 26.51 -21.36
CA ALA A 298 8.26 26.67 -19.91
C ALA A 298 9.12 25.58 -19.29
N MET A 299 9.05 24.37 -19.82
CA MET A 299 9.72 23.24 -19.18
C MET A 299 11.13 23.01 -19.70
N LYS A 300 11.44 23.58 -20.87
CA LYS A 300 12.72 23.33 -21.53
C LYS A 300 13.96 23.53 -20.66
N PRO A 301 13.95 24.54 -19.76
CA PRO A 301 15.13 24.76 -18.92
C PRO A 301 15.60 23.55 -18.12
N VAL A 302 14.75 22.55 -17.90
CA VAL A 302 15.20 21.43 -17.09
C VAL A 302 16.19 20.60 -17.88
N TYR A 303 16.23 20.77 -19.21
CA TYR A 303 17.17 20.01 -20.00
C TYR A 303 18.59 20.37 -19.58
N GLN A 304 18.89 21.67 -19.53
CA GLN A 304 20.23 22.07 -19.14
C GLN A 304 20.50 21.85 -17.65
N LYS A 305 19.48 22.00 -16.82
CA LYS A 305 19.64 21.87 -15.37
C LYS A 305 19.87 20.43 -14.93
N PHE A 306 19.24 19.48 -15.62
CA PHE A 306 19.28 18.10 -15.18
C PHE A 306 19.89 17.14 -16.20
N ALA A 307 20.02 17.57 -17.47
CA ALA A 307 20.57 16.69 -18.51
C ALA A 307 21.63 17.42 -19.33
N GLY A 308 22.38 18.28 -18.64
CA GLY A 308 23.34 19.15 -19.29
C GLY A 308 24.78 18.68 -19.28
N ASP A 309 25.09 17.58 -18.58
CA ASP A 309 26.48 17.12 -18.59
C ASP A 309 26.73 16.33 -19.88
N GLU A 310 27.97 15.87 -20.06
CA GLU A 310 28.38 15.23 -21.31
C GLU A 310 27.59 13.97 -21.59
N LYS A 311 27.46 13.11 -20.59
CA LYS A 311 26.75 11.84 -20.72
C LYS A 311 25.29 12.04 -21.10
N LEU A 312 24.59 12.83 -20.29
CA LEU A 312 23.15 13.00 -20.46
C LEU A 312 22.82 13.77 -21.73
N SER A 313 23.59 14.81 -22.04
CA SER A 313 23.27 15.61 -23.23
C SER A 313 23.46 14.76 -24.47
N SER A 314 24.40 13.84 -24.44
CA SER A 314 24.61 12.93 -25.57
C SER A 314 23.44 11.96 -25.73
N LEU A 315 22.97 11.39 -24.62
CA LEU A 315 21.79 10.53 -24.69
C LEU A 315 20.60 11.28 -25.25
N VAL A 316 20.38 12.50 -24.77
CA VAL A 316 19.23 13.28 -25.18
C VAL A 316 19.26 13.56 -26.68
N LYS A 317 20.43 13.93 -27.20
CA LYS A 317 20.60 14.15 -28.62
C LYS A 317 20.24 12.90 -29.41
N ARG A 318 20.73 11.75 -28.96
CA ARG A 318 20.53 10.51 -29.68
C ARG A 318 19.08 10.10 -29.66
N ILE A 319 18.38 10.40 -28.57
CA ILE A 319 16.95 10.18 -28.51
C ILE A 319 16.25 11.05 -29.55
N GLN A 320 16.54 12.34 -29.53
CA GLN A 320 15.90 13.30 -30.42
C GLN A 320 16.13 12.94 -31.89
N ASP A 321 17.30 12.37 -32.17
CA ASP A 321 17.68 12.02 -33.54
C ASP A 321 17.07 10.71 -34.04
N THR A 322 16.46 9.94 -33.15
CA THR A 322 15.82 8.69 -33.55
C THR A 322 14.51 8.97 -34.27
N ARG B 23 -27.05 4.16 -3.59
CA ARG B 23 -25.75 4.67 -3.16
C ARG B 23 -24.95 3.52 -2.58
N ASP B 24 -23.79 3.22 -3.18
CA ASP B 24 -22.84 2.30 -2.56
C ASP B 24 -21.88 3.03 -1.64
N PHE B 25 -21.82 2.58 -0.40
CA PHE B 25 -20.84 3.09 0.55
C PHE B 25 -19.49 2.54 0.19
N ARG B 26 -18.49 3.42 0.13
CA ARG B 26 -17.15 3.00 -0.19
C ARG B 26 -16.43 2.66 1.10
N SER B 27 -15.84 1.47 1.15
CA SER B 27 -15.28 0.94 2.39
C SER B 27 -13.84 0.47 2.19
N ALA B 28 -12.93 0.97 3.03
CA ALA B 28 -11.51 0.69 2.90
C ALA B 28 -11.04 -0.48 3.78
N ASP B 29 -10.01 -1.18 3.30
CA ASP B 29 -9.34 -2.22 4.10
C ASP B 29 -7.91 -2.33 3.63
N VAL B 30 -6.95 -2.45 4.56
CA VAL B 30 -5.55 -2.61 4.14
C VAL B 30 -5.24 -3.99 3.57
N HIS B 31 -6.09 -4.98 3.84
CA HIS B 31 -5.78 -6.39 3.50
C HIS B 31 -6.16 -6.75 2.07
N PRO B 32 -5.63 -7.89 1.58
CA PRO B 32 -5.99 -8.34 0.22
C PRO B 32 -7.45 -8.71 0.04
N ALA B 33 -7.85 -8.85 -1.22
CA ALA B 33 -9.23 -9.03 -1.58
C ALA B 33 -9.87 -10.31 -1.03
N ASP B 34 -9.06 -11.34 -0.82
CA ASP B 34 -9.57 -12.62 -0.34
C ASP B 34 -9.56 -12.73 1.19
N TYR B 35 -9.19 -11.65 1.88
CA TYR B 35 -8.97 -11.73 3.33
C TYR B 35 -10.31 -11.80 4.04
N PRO B 36 -10.35 -12.46 5.21
CA PRO B 36 -11.67 -12.61 5.86
C PRO B 36 -12.40 -11.30 6.17
N THR B 37 -11.70 -10.23 6.51
CA THR B 37 -12.38 -8.97 6.79
C THR B 37 -13.01 -8.37 5.54
N VAL B 38 -12.40 -8.62 4.38
CA VAL B 38 -12.91 -8.08 3.12
C VAL B 38 -14.09 -8.92 2.67
N GLU B 39 -13.98 -10.23 2.78
CA GLU B 39 -15.09 -11.11 2.42
C GLU B 39 -16.31 -10.82 3.31
N ALA B 40 -16.05 -10.48 4.57
CA ALA B 40 -17.13 -10.17 5.50
C ALA B 40 -17.87 -8.93 5.05
N VAL B 41 -17.14 -7.90 4.63
CA VAL B 41 -17.82 -6.67 4.24
C VAL B 41 -18.54 -6.89 2.89
N LYS B 42 -17.97 -7.72 2.01
CA LYS B 42 -18.68 -8.04 0.78
C LYS B 42 -20.00 -8.74 1.06
N PHE B 43 -20.00 -9.60 2.07
CA PHE B 43 -21.24 -10.25 2.49
C PHE B 43 -22.26 -9.21 2.99
N MET B 44 -21.83 -8.26 3.81
CA MET B 44 -22.66 -7.17 4.26
C MET B 44 -23.23 -6.43 3.07
N GLY B 45 -22.36 -6.15 2.08
CA GLY B 45 -22.79 -5.44 0.90
C GLY B 45 -23.90 -6.14 0.16
N LYS B 46 -23.78 -7.44 -0.01
CA LYS B 46 -24.80 -8.22 -0.70
C LYS B 46 -26.11 -8.20 0.06
N GLN B 47 -26.02 -8.36 1.37
CA GLN B 47 -27.22 -8.31 2.20
C GLN B 47 -27.92 -6.95 2.12
N LEU B 48 -27.13 -5.89 2.21
CA LEU B 48 -27.65 -4.53 2.22
C LEU B 48 -28.29 -4.22 0.87
N ALA B 49 -27.65 -4.64 -0.21
CA ALA B 49 -28.20 -4.38 -1.54
C ALA B 49 -29.54 -5.08 -1.72
N ALA B 50 -29.65 -6.33 -1.30
CA ALA B 50 -30.88 -7.06 -1.42
C ALA B 50 -31.98 -6.48 -0.55
N ALA B 51 -31.67 -6.25 0.72
CA ALA B 51 -32.66 -5.76 1.65
C ALA B 51 -33.17 -4.40 1.24
N SER B 52 -32.29 -3.59 0.66
CA SER B 52 -32.67 -2.22 0.28
C SER B 52 -33.17 -2.10 -1.15
N GLY B 53 -33.28 -3.22 -1.86
CA GLY B 53 -33.77 -3.18 -3.24
C GLY B 53 -32.86 -2.39 -4.16
N GLY B 54 -31.59 -2.27 -3.77
CA GLY B 54 -30.60 -1.60 -4.60
C GLY B 54 -30.29 -0.17 -4.20
N LYS B 55 -31.06 0.36 -3.25
CA LYS B 55 -30.89 1.72 -2.81
C LYS B 55 -29.57 1.94 -2.09
N LEU B 56 -29.11 0.89 -1.43
CA LEU B 56 -27.90 0.91 -0.60
C LEU B 56 -27.01 -0.29 -0.92
N GLY B 57 -25.72 -0.11 -0.73
CA GLY B 57 -24.76 -1.16 -1.00
C GLY B 57 -23.43 -0.80 -0.40
N VAL B 58 -22.46 -1.70 -0.53
CA VAL B 58 -21.09 -1.46 -0.11
C VAL B 58 -20.13 -1.91 -1.20
N LYS B 59 -19.18 -1.05 -1.49
CA LYS B 59 -18.08 -1.40 -2.39
C LYS B 59 -16.79 -1.36 -1.59
N VAL B 60 -16.03 -2.46 -1.63
CA VAL B 60 -14.81 -2.55 -0.83
C VAL B 60 -13.60 -2.20 -1.68
N PHE B 61 -12.67 -1.50 -1.05
CA PHE B 61 -11.39 -1.12 -1.63
C PHE B 61 -10.28 -1.73 -0.79
N PRO B 62 -9.84 -2.93 -1.17
CA PRO B 62 -8.82 -3.63 -0.38
C PRO B 62 -7.41 -3.14 -0.71
N ASN B 63 -6.43 -3.80 -0.13
CA ASN B 63 -5.02 -3.54 -0.43
C ASN B 63 -4.54 -2.17 -0.02
N GLY B 64 -5.31 -1.47 0.83
CA GLY B 64 -4.89 -0.16 1.30
C GLY B 64 -4.89 0.90 0.22
N ALA B 65 -5.63 0.68 -0.86
CA ALA B 65 -5.65 1.60 -1.99
C ALA B 65 -6.02 3.03 -1.59
N LEU B 66 -6.91 3.19 -0.62
CA LEU B 66 -7.36 4.51 -0.25
C LEU B 66 -6.54 5.16 0.89
N GLY B 67 -5.53 4.43 1.38
CA GLY B 67 -4.62 4.96 2.40
C GLY B 67 -4.39 4.01 3.55
N SER B 68 -3.52 4.43 4.46
CA SER B 68 -3.29 3.69 5.69
C SER B 68 -4.50 3.77 6.60
N GLU B 69 -4.52 3.02 7.69
CA GLU B 69 -5.67 3.06 8.61
C GLU B 69 -5.86 4.46 9.21
N LYS B 70 -4.77 5.13 9.58
CA LYS B 70 -4.83 6.51 10.03
C LYS B 70 -5.40 7.44 8.97
N ASP B 71 -4.99 7.27 7.72
CA ASP B 71 -5.54 8.06 6.63
C ASP B 71 -7.05 7.86 6.50
N THR B 72 -7.48 6.61 6.63
CA THR B 72 -8.90 6.35 6.43
C THR B 72 -9.73 6.89 7.61
N ILE B 73 -9.17 6.89 8.82
CA ILE B 73 -9.81 7.55 9.95
C ILE B 73 -10.04 9.03 9.61
N GLU B 74 -8.99 9.69 9.09
CA GLU B 74 -9.04 11.10 8.70
C GLU B 74 -10.14 11.31 7.65
N GLN B 75 -10.19 10.46 6.64
CA GLN B 75 -11.20 10.59 5.59
C GLN B 75 -12.64 10.41 6.10
N LEU B 76 -12.84 9.45 7.01
CA LEU B 76 -14.17 9.30 7.60
C LEU B 76 -14.53 10.56 8.38
N LYS B 77 -13.55 11.13 9.07
CA LYS B 77 -13.86 12.27 9.93
C LYS B 77 -14.36 13.46 9.10
N ILE B 78 -13.79 13.67 7.93
CA ILE B 78 -14.25 14.79 7.09
C ILE B 78 -15.33 14.41 6.08
N GLY B 79 -15.79 13.16 6.11
CA GLY B 79 -16.84 12.69 5.24
C GLY B 79 -16.41 12.32 3.83
N ALA B 80 -15.11 12.20 3.64
CA ALA B 80 -14.54 11.92 2.33
C ALA B 80 -14.53 10.42 1.99
N LEU B 81 -14.73 9.58 3.00
CA LEU B 81 -14.80 8.14 2.84
C LEU B 81 -15.97 7.64 3.70
N ASP B 82 -16.76 6.70 3.18
CA ASP B 82 -17.97 6.29 3.87
C ASP B 82 -17.68 5.34 5.04
N MET B 83 -16.83 4.36 4.79
CA MET B 83 -16.59 3.26 5.72
C MET B 83 -15.15 2.81 5.74
N MET B 84 -14.75 2.22 6.87
CA MET B 84 -13.45 1.59 6.97
C MET B 84 -13.57 0.39 7.87
N ARG B 85 -12.75 -0.60 7.56
CA ARG B 85 -12.52 -1.77 8.42
C ARG B 85 -11.06 -1.66 8.89
N ILE B 86 -10.87 -1.33 10.16
CA ILE B 86 -9.52 -1.11 10.71
C ILE B 86 -9.41 -1.84 12.03
N ASN B 87 -8.20 -1.92 12.59
CA ASN B 87 -8.07 -2.42 13.93
C ASN B 87 -8.52 -1.37 14.94
N SER B 88 -8.93 -1.82 16.11
CA SER B 88 -9.27 -0.89 17.18
C SER B 88 -8.07 -0.10 17.71
N SER B 89 -6.86 -0.62 17.55
CA SER B 89 -5.69 0.05 18.13
C SER B 89 -5.42 1.48 17.66
N PRO B 90 -5.49 1.76 16.35
CA PRO B 90 -5.30 3.17 15.95
C PRO B 90 -6.38 4.14 16.38
N LEU B 91 -7.47 3.66 16.98
CA LEU B 91 -8.44 4.53 17.62
C LEU B 91 -8.13 4.85 19.08
N ASN B 92 -7.12 4.21 19.67
CA ASN B 92 -6.86 4.36 21.09
C ASN B 92 -6.68 5.83 21.50
N ASN B 93 -5.97 6.62 20.68
CA ASN B 93 -5.73 8.02 21.00
C ASN B 93 -7.01 8.88 20.70
N PHE B 94 -7.86 8.42 19.77
CA PHE B 94 -9.09 9.16 19.38
C PHE B 94 -10.30 8.85 20.28
N VAL B 95 -10.41 7.58 20.65
CA VAL B 95 -11.59 7.05 21.32
C VAL B 95 -11.07 6.29 22.52
N PRO B 96 -11.00 6.93 23.69
CA PRO B 96 -10.27 6.35 24.82
C PRO B 96 -10.78 4.97 25.24
N GLU B 97 -12.07 4.73 25.04
CA GLU B 97 -12.69 3.49 25.45
C GLU B 97 -12.12 2.28 24.73
N THR B 98 -11.57 2.48 23.53
CA THR B 98 -11.04 1.34 22.78
C THR B 98 -9.80 0.75 23.45
N VAL B 99 -9.13 1.53 24.32
CA VAL B 99 -7.95 1.00 25.04
C VAL B 99 -8.33 -0.26 25.79
N ALA B 100 -9.55 -0.31 26.34
CA ALA B 100 -9.97 -1.46 27.16
C ALA B 100 -9.91 -2.76 26.37
N LEU B 101 -10.11 -2.68 25.06
CA LEU B 101 -10.17 -3.86 24.20
C LEU B 101 -8.78 -4.32 23.77
N CYS B 102 -7.79 -3.45 23.91
CA CYS B 102 -6.46 -3.66 23.35
C CYS B 102 -5.41 -4.05 24.37
N LEU B 103 -5.74 -3.88 25.66
CA LEU B 103 -4.82 -4.18 26.75
C LEU B 103 -4.30 -5.61 26.68
N PRO B 104 -3.06 -5.82 27.15
CA PRO B 104 -2.53 -7.17 27.21
C PRO B 104 -3.24 -8.04 28.26
N PHE B 105 -3.61 -9.25 27.85
CA PHE B 105 -4.18 -10.25 28.74
C PHE B 105 -5.52 -9.80 29.36
N VAL B 106 -6.26 -8.91 28.70
CA VAL B 106 -7.56 -8.50 29.24
C VAL B 106 -8.66 -9.52 28.89
N PHE B 107 -8.53 -10.17 27.73
CA PHE B 107 -9.42 -11.26 27.31
C PHE B 107 -8.73 -12.59 27.57
N ARG B 108 -9.43 -13.53 28.17
CA ARG B 108 -8.84 -14.83 28.47
C ARG B 108 -8.54 -15.56 27.17
N ASP B 109 -9.50 -15.50 26.27
CA ASP B 109 -9.39 -16.19 25.01
C ASP B 109 -10.42 -15.69 24.03
N THR B 110 -10.47 -16.34 22.88
CA THR B 110 -11.35 -15.94 21.79
C THR B 110 -12.82 -15.85 22.21
N GLN B 111 -13.32 -16.85 22.90
CA GLN B 111 -14.75 -16.90 23.19
C GLN B 111 -15.14 -15.81 24.19
N HIS B 112 -14.26 -15.57 25.16
CA HIS B 112 -14.45 -14.50 26.10
C HIS B 112 -14.57 -13.19 25.34
N MET B 113 -13.67 -12.96 24.39
CA MET B 113 -13.67 -11.74 23.60
C MET B 113 -14.98 -11.60 22.83
N ARG B 114 -15.39 -12.67 22.17
CA ARG B 114 -16.59 -12.63 21.35
C ARG B 114 -17.81 -12.31 22.20
N ASN B 115 -17.89 -12.90 23.38
CA ASN B 115 -18.99 -12.59 24.29
C ASN B 115 -19.02 -11.13 24.70
N VAL B 116 -17.86 -10.56 24.99
CA VAL B 116 -17.79 -9.15 25.34
C VAL B 116 -18.22 -8.25 24.17
N LEU B 117 -17.65 -8.52 22.99
CA LEU B 117 -17.85 -7.67 21.83
C LEU B 117 -19.30 -7.75 21.35
N ASP B 118 -19.93 -8.92 21.47
CA ASP B 118 -21.29 -9.11 20.95
C ASP B 118 -22.35 -8.47 21.86
N GLY B 119 -21.96 -8.24 23.11
CA GLY B 119 -22.88 -7.78 24.13
C GLY B 119 -22.82 -6.29 24.35
N PRO B 120 -23.42 -5.83 25.45
CA PRO B 120 -23.55 -4.39 25.69
C PRO B 120 -22.22 -3.65 25.80
N ILE B 121 -21.15 -4.31 26.25
CA ILE B 121 -19.88 -3.62 26.35
C ILE B 121 -19.40 -3.27 24.96
N GLY B 122 -19.50 -4.22 24.04
CA GLY B 122 -19.12 -3.98 22.66
C GLY B 122 -19.95 -2.85 22.05
N ASP B 123 -21.26 -2.89 22.26
CA ASP B 123 -22.14 -1.84 21.71
C ASP B 123 -21.80 -0.45 22.27
N GLU B 124 -21.49 -0.39 23.57
CA GLU B 124 -21.13 0.86 24.22
C GLU B 124 -19.90 1.49 23.60
N ILE B 125 -18.87 0.67 23.36
CA ILE B 125 -17.64 1.21 22.81
C ILE B 125 -17.83 1.63 21.34
N LEU B 126 -18.65 0.92 20.58
CA LEU B 126 -18.96 1.39 19.22
C LEU B 126 -19.65 2.76 19.26
N ALA B 127 -20.56 2.96 20.21
CA ALA B 127 -21.29 4.22 20.34
C ALA B 127 -20.36 5.33 20.81
N ALA B 128 -19.32 4.97 21.56
CA ALA B 128 -18.41 5.96 22.12
C ALA B 128 -17.49 6.58 21.05
N MET B 129 -17.58 6.08 19.82
CA MET B 129 -16.78 6.61 18.73
C MET B 129 -17.35 7.92 18.20
N GLU B 130 -18.57 8.25 18.56
CA GLU B 130 -19.27 9.36 17.88
C GLU B 130 -18.64 10.75 18.13
N PRO B 131 -18.08 11.00 19.32
CA PRO B 131 -17.42 12.32 19.49
C PRO B 131 -16.22 12.51 18.57
N ALA B 132 -15.67 11.40 18.07
CA ALA B 132 -14.55 11.43 17.13
C ALA B 132 -15.02 11.51 15.70
N GLY B 133 -16.32 11.59 15.46
CA GLY B 133 -16.82 11.67 14.11
C GLY B 133 -17.06 10.34 13.41
N LEU B 134 -17.18 9.29 14.22
CA LEU B 134 -17.19 7.92 13.73
C LEU B 134 -18.37 7.20 14.32
N VAL B 135 -18.96 6.28 13.57
CA VAL B 135 -20.04 5.44 14.07
C VAL B 135 -19.60 3.98 13.96
N GLY B 136 -19.39 3.31 15.08
CA GLY B 136 -19.02 1.92 15.05
C GLY B 136 -20.21 1.06 14.72
N LEU B 137 -20.04 0.16 13.76
CA LEU B 137 -21.11 -0.75 13.33
C LEU B 137 -20.98 -2.19 13.85
N ALA B 138 -19.76 -2.72 13.91
CA ALA B 138 -19.55 -4.11 14.32
C ALA B 138 -18.10 -4.38 14.59
N TYR B 139 -17.82 -5.51 15.25
CA TYR B 139 -16.46 -5.98 15.47
C TYR B 139 -16.16 -7.19 14.64
N TYR B 140 -14.94 -7.25 14.11
CA TYR B 140 -14.43 -8.49 13.52
C TYR B 140 -13.25 -9.00 14.33
N ASP B 141 -13.10 -10.32 14.32
CA ASP B 141 -12.05 -11.01 15.06
C ASP B 141 -10.68 -10.68 14.50
N SER B 142 -9.64 -10.70 15.34
CA SER B 142 -8.27 -10.51 14.87
C SER B 142 -7.32 -11.45 15.62
N GLY B 143 -7.87 -12.51 16.19
CA GLY B 143 -7.02 -13.47 16.88
C GLY B 143 -6.19 -12.82 17.96
N ALA B 144 -5.05 -13.45 18.24
CA ALA B 144 -4.09 -12.98 19.23
C ALA B 144 -2.82 -12.57 18.49
N ARG B 145 -2.23 -11.46 18.92
CA ARG B 145 -1.00 -10.96 18.32
C ARG B 145 0.21 -11.51 19.04
N SER B 146 1.25 -11.88 18.28
CA SER B 146 2.50 -12.41 18.83
C SER B 146 3.68 -11.73 18.14
N ILE B 147 4.83 -11.69 18.81
CA ILE B 147 6.01 -11.01 18.30
C ILE B 147 6.77 -11.91 17.32
N TYR B 148 7.10 -11.38 16.14
CA TYR B 148 7.99 -12.07 15.22
C TYR B 148 9.26 -11.26 14.99
N THR B 149 10.38 -11.98 14.95
CA THR B 149 11.71 -11.39 14.90
C THR B 149 12.48 -11.84 13.67
N VAL B 150 13.41 -10.97 13.26
CA VAL B 150 14.26 -11.21 12.10
C VAL B 150 15.50 -12.08 12.41
N LYS B 151 16.25 -11.75 13.46
CA LYS B 151 17.56 -12.34 13.63
C LYS B 151 17.58 -13.57 14.54
N ALA B 152 16.76 -13.61 15.58
CA ALA B 152 16.82 -14.73 16.53
C ALA B 152 15.52 -14.94 17.26
N PRO B 153 15.32 -16.15 17.82
CA PRO B 153 14.13 -16.42 18.63
C PRO B 153 14.02 -15.54 19.88
N VAL B 154 12.79 -15.38 20.33
CA VAL B 154 12.52 -14.81 21.65
C VAL B 154 12.07 -15.98 22.50
N LYS B 155 12.98 -16.52 23.33
CA LYS B 155 12.66 -17.68 24.18
C LYS B 155 12.28 -17.23 25.57
N SER B 156 12.54 -15.97 25.87
CA SER B 156 12.22 -15.41 27.17
C SER B 156 12.13 -13.90 27.11
N LEU B 157 11.59 -13.32 28.17
CA LEU B 157 11.40 -11.89 28.24
C LEU B 157 12.72 -11.14 28.03
N ALA B 158 13.83 -11.71 28.53
CA ALA B 158 15.13 -11.07 28.40
C ALA B 158 15.59 -10.88 26.95
N ASP B 159 15.16 -11.76 26.06
CA ASP B 159 15.57 -11.66 24.66
C ASP B 159 14.99 -10.42 23.99
N LEU B 160 13.99 -9.79 24.61
CA LEU B 160 13.37 -8.60 24.00
C LEU B 160 14.12 -7.31 24.33
N LYS B 161 15.05 -7.37 25.26
CA LYS B 161 15.68 -6.15 25.75
C LYS B 161 16.38 -5.38 24.63
N GLY B 162 15.98 -4.12 24.46
CA GLY B 162 16.53 -3.24 23.45
C GLY B 162 16.14 -3.54 22.00
N LEU B 163 15.26 -4.52 21.77
CA LEU B 163 14.82 -4.82 20.40
C LEU B 163 13.96 -3.70 19.88
N LYS B 164 14.21 -3.27 18.64
CA LYS B 164 13.33 -2.32 17.97
C LYS B 164 12.12 -3.07 17.42
N ILE B 165 10.94 -2.78 17.98
CA ILE B 165 9.74 -3.50 17.60
C ILE B 165 8.74 -2.50 17.04
N ARG B 166 8.28 -2.73 15.80
CA ARG B 166 7.22 -1.90 15.27
C ARG B 166 5.94 -2.15 16.02
N VAL B 167 5.21 -1.06 16.26
CA VAL B 167 3.85 -1.12 16.79
C VAL B 167 2.92 -0.23 15.94
N GLN B 168 1.64 -0.42 16.15
CA GLN B 168 0.64 0.46 15.58
C GLN B 168 0.75 1.83 16.23
N GLN B 169 0.05 2.79 15.62
CA GLN B 169 0.15 4.18 16.04
C GLN B 169 -0.80 4.47 17.22
N SER B 170 -0.35 4.09 18.41
CA SER B 170 -1.16 4.13 19.61
C SER B 170 -0.25 4.35 20.83
N ASP B 171 -0.54 5.35 21.68
CA ASP B 171 0.25 5.58 22.91
C ASP B 171 0.24 4.34 23.81
N LEU B 172 -0.89 3.65 23.88
CA LEU B 172 -0.97 2.41 24.69
C LEU B 172 0.05 1.39 24.22
N TRP B 173 0.10 1.17 22.91
CA TRP B 173 1.00 0.18 22.32
C TRP B 173 2.46 0.56 22.51
N VAL B 174 2.77 1.84 22.45
CA VAL B 174 4.12 2.27 22.74
C VAL B 174 4.45 1.87 24.18
N GLY B 175 3.54 2.13 25.12
CA GLY B 175 3.70 1.74 26.52
C GLY B 175 3.81 0.25 26.73
N MET B 176 3.03 -0.52 25.99
CA MET B 176 3.06 -1.97 26.07
C MET B 176 4.44 -2.55 25.70
N ILE B 177 5.02 -2.11 24.60
CA ILE B 177 6.29 -2.66 24.14
C ILE B 177 7.42 -2.16 25.05
N GLN B 178 7.34 -0.92 25.50
CA GLN B 178 8.34 -0.44 26.44
C GLN B 178 8.28 -1.23 27.77
N SER B 179 7.10 -1.70 28.16
CA SER B 179 6.95 -2.42 29.42
C SER B 179 7.71 -3.74 29.35
N LEU B 180 7.89 -4.23 28.13
CA LEU B 180 8.62 -5.47 27.88
C LEU B 180 10.14 -5.28 27.79
N GLY B 181 10.60 -4.05 27.97
CA GLY B 181 12.02 -3.74 27.86
C GLY B 181 12.51 -3.44 26.46
N ALA B 182 11.59 -3.39 25.51
CA ALA B 182 11.90 -3.18 24.09
C ALA B 182 11.65 -1.73 23.69
N ASN B 183 11.95 -1.43 22.44
CA ASN B 183 12.03 -0.07 21.93
C ASN B 183 10.98 0.10 20.83
N PRO B 184 9.83 0.70 21.16
CA PRO B 184 8.75 0.76 20.16
C PRO B 184 8.97 1.76 19.03
N THR B 185 8.59 1.39 17.81
CA THR B 185 8.52 2.35 16.71
C THR B 185 7.13 2.29 16.09
N PRO B 186 6.32 3.33 16.29
CA PRO B 186 5.00 3.40 15.66
C PRO B 186 5.11 3.60 14.13
N MET B 187 4.33 2.85 13.37
CA MET B 187 4.48 2.82 11.93
C MET B 187 3.22 2.23 11.31
N PRO B 188 2.78 2.73 10.14
CA PRO B 188 1.65 2.12 9.45
C PRO B 188 1.96 0.74 8.90
N TYR B 189 0.96 -0.13 8.92
CA TYR B 189 1.10 -1.52 8.49
C TYR B 189 1.87 -1.70 7.19
N GLY B 190 1.51 -0.92 6.19
CA GLY B 190 2.10 -1.09 4.87
C GLY B 190 3.59 -0.83 4.77
N GLU B 191 4.15 -0.13 5.76
CA GLU B 191 5.57 0.19 5.80
C GLU B 191 6.42 -0.89 6.52
N VAL B 192 5.78 -1.86 7.13
CA VAL B 192 6.51 -2.77 8.03
C VAL B 192 7.40 -3.76 7.29
N TYR B 193 6.96 -4.28 6.14
CA TYR B 193 7.77 -5.27 5.47
C TYR B 193 9.16 -4.71 5.14
N THR B 194 9.21 -3.54 4.52
CA THR B 194 10.49 -3.01 4.12
C THR B 194 11.31 -2.59 5.39
N ALA B 195 10.65 -2.18 6.45
CA ALA B 195 11.34 -1.82 7.70
C ALA B 195 12.06 -3.04 8.27
N LEU B 196 11.40 -4.19 8.22
CA LEU B 196 12.04 -5.43 8.65
C LEU B 196 13.19 -5.82 7.73
N LYS B 197 12.98 -5.73 6.42
CA LYS B 197 14.02 -6.14 5.47
C LYS B 197 15.26 -5.27 5.52
N THR B 198 15.10 -4.00 5.81
CA THR B 198 16.21 -3.07 5.73
C THR B 198 16.83 -2.79 7.09
N GLY B 199 16.26 -3.37 8.14
CA GLY B 199 16.84 -3.24 9.47
C GLY B 199 16.40 -2.03 10.30
N LEU B 200 15.42 -1.29 9.82
CA LEU B 200 14.83 -0.17 10.56
C LEU B 200 14.18 -0.63 11.87
N VAL B 201 13.56 -1.80 11.85
CA VAL B 201 13.11 -2.45 13.06
C VAL B 201 13.57 -3.91 13.01
N ASP B 202 13.59 -4.54 14.19
CA ASP B 202 14.10 -5.89 14.40
C ASP B 202 12.96 -6.89 14.51
N ALA B 203 11.74 -6.37 14.61
CA ALA B 203 10.59 -7.19 14.93
C ALA B 203 9.30 -6.39 14.70
N ALA B 204 8.20 -7.14 14.62
CA ALA B 204 6.86 -6.58 14.65
C ALA B 204 5.99 -7.62 15.34
N GLU B 205 4.68 -7.42 15.34
CA GLU B 205 3.82 -8.33 16.06
C GLU B 205 2.45 -8.33 15.44
N ASN B 206 1.86 -9.50 15.35
CA ASN B 206 0.56 -9.64 14.71
C ASN B 206 0.04 -11.05 14.82
N ASN B 207 -1.19 -11.23 14.33
CA ASN B 207 -1.84 -12.54 14.27
C ASN B 207 -1.30 -13.38 13.11
N TRP B 208 -1.68 -14.67 13.04
CA TRP B 208 -1.12 -15.53 12.02
C TRP B 208 -1.49 -15.11 10.59
N PRO B 209 -2.78 -14.80 10.34
CA PRO B 209 -3.11 -14.45 8.95
C PRO B 209 -2.45 -13.15 8.45
N SER B 210 -2.21 -12.20 9.34
CA SER B 210 -1.49 -10.99 8.93
C SER B 210 -0.03 -11.28 8.66
N TYR B 211 0.60 -12.05 9.55
CA TYR B 211 1.99 -12.44 9.43
C TYR B 211 2.23 -13.11 8.09
N GLU B 212 1.26 -13.93 7.68
CA GLU B 212 1.35 -14.61 6.41
C GLU B 212 1.05 -13.67 5.22
N SER B 213 -0.11 -13.04 5.24
N SER B 213 -0.12 -13.06 5.25
CA SER B 213 -0.59 -12.32 4.05
CA SER B 213 -0.65 -12.28 4.12
C SER B 213 0.24 -11.08 3.72
C SER B 213 0.29 -11.14 3.73
N SER B 214 0.83 -10.48 4.75
CA SER B 214 1.75 -9.36 4.61
C SER B 214 3.12 -9.70 4.04
N ARG B 215 3.43 -10.99 3.97
CA ARG B 215 4.75 -11.51 3.68
C ARG B 215 5.80 -11.19 4.76
N HIS B 216 5.38 -10.74 5.93
CA HIS B 216 6.35 -10.48 6.99
C HIS B 216 7.11 -11.74 7.35
N PHE B 217 6.49 -12.89 7.19
CA PHE B 217 7.18 -14.15 7.50
C PHE B 217 8.42 -14.39 6.65
N GLU B 218 8.48 -13.76 5.47
CA GLU B 218 9.65 -13.87 4.62
C GLU B 218 10.75 -12.94 5.09
N ALA B 219 10.41 -11.95 5.90
CA ALA B 219 11.40 -11.01 6.45
C ALA B 219 11.83 -11.40 7.88
N ALA B 220 10.93 -12.07 8.59
CA ALA B 220 11.08 -12.33 10.01
C ALA B 220 10.60 -13.73 10.29
N LYS B 221 11.53 -14.69 10.29
CA LYS B 221 11.16 -16.12 10.25
C LYS B 221 10.89 -16.76 11.62
N PHE B 222 11.07 -15.99 12.70
CA PHE B 222 10.81 -16.48 14.04
C PHE B 222 9.49 -15.91 14.52
N TYR B 223 8.50 -16.78 14.73
CA TYR B 223 7.19 -16.38 15.25
C TYR B 223 7.08 -16.87 16.69
N ASN B 224 7.21 -15.93 17.62
CA ASN B 224 7.37 -16.22 19.05
C ASN B 224 6.02 -16.03 19.72
N ILE B 225 5.47 -17.13 20.24
CA ILE B 225 4.07 -17.10 20.65
C ILE B 225 3.89 -16.41 22.02
N THR B 226 3.63 -15.11 21.94
CA THR B 226 3.44 -14.27 23.13
C THR B 226 1.98 -13.93 23.41
N GLU B 227 1.15 -13.92 22.38
CA GLU B 227 -0.32 -13.70 22.48
C GLU B 227 -0.66 -12.54 23.43
N HIS B 228 0.03 -11.44 23.22
CA HIS B 228 0.04 -10.32 24.17
C HIS B 228 -1.09 -9.28 23.94
N SER B 229 -1.95 -9.49 22.94
CA SER B 229 -3.14 -8.69 22.78
C SER B 229 -4.12 -9.44 21.92
N LEU B 230 -5.40 -9.22 22.16
CA LEU B 230 -6.48 -9.69 21.29
C LEU B 230 -7.25 -8.48 20.67
N ALA B 231 -6.60 -7.33 20.59
CA ALA B 231 -7.20 -6.14 19.96
C ALA B 231 -8.04 -6.51 18.72
N PRO B 232 -9.36 -6.27 18.78
CA PRO B 232 -10.23 -6.66 17.65
C PRO B 232 -10.33 -5.61 16.54
N GLU B 233 -10.87 -6.02 15.39
CA GLU B 233 -11.17 -5.06 14.32
C GLU B 233 -12.49 -4.35 14.61
N VAL B 234 -12.65 -3.18 14.00
CA VAL B 234 -13.91 -2.47 14.00
C VAL B 234 -14.28 -2.11 12.57
N LEU B 235 -15.58 -2.23 12.29
CA LEU B 235 -16.16 -1.74 11.05
C LEU B 235 -16.90 -0.47 11.39
N VAL B 236 -16.56 0.61 10.68
CA VAL B 236 -16.91 1.97 11.09
C VAL B 236 -17.43 2.78 9.90
N MET B 237 -18.46 3.59 10.16
CA MET B 237 -18.97 4.52 9.16
C MET B 237 -18.70 5.97 9.60
N SER B 238 -18.43 6.82 8.62
CA SER B 238 -18.33 8.28 8.82
C SER B 238 -19.59 8.79 9.45
N LYS B 239 -19.47 9.53 10.55
CA LYS B 239 -20.67 10.04 11.20
C LYS B 239 -21.36 11.04 10.29
N LYS B 240 -20.60 11.82 9.52
N LYS B 240 -20.59 11.81 9.52
CA LYS B 240 -21.20 12.79 8.61
CA LYS B 240 -21.18 12.79 8.60
C LYS B 240 -22.11 12.07 7.62
C LYS B 240 -22.05 12.13 7.53
N VAL B 241 -21.66 10.94 7.09
CA VAL B 241 -22.45 10.19 6.12
C VAL B 241 -23.66 9.54 6.81
N TRP B 242 -23.40 8.86 7.92
CA TRP B 242 -24.43 8.23 8.74
C TRP B 242 -25.59 9.17 9.07
N ASP B 243 -25.27 10.39 9.46
CA ASP B 243 -26.29 11.37 9.85
C ASP B 243 -27.16 11.85 8.68
N THR B 244 -26.76 11.55 7.44
CA THR B 244 -27.58 11.88 6.29
C THR B 244 -28.56 10.78 5.94
N LEU B 245 -28.46 9.64 6.62
CA LEU B 245 -29.33 8.49 6.35
C LEU B 245 -30.61 8.55 7.16
N SER B 246 -31.70 8.02 6.59
CA SER B 246 -32.95 7.89 7.32
C SER B 246 -32.80 6.90 8.48
N LYS B 247 -33.73 6.96 9.42
CA LYS B 247 -33.82 5.99 10.51
C LYS B 247 -33.82 4.55 10.01
N GLU B 248 -34.62 4.27 8.98
CA GLU B 248 -34.75 2.91 8.48
C GLU B 248 -33.47 2.45 7.79
N ASP B 249 -32.85 3.33 7.02
CA ASP B 249 -31.58 3.00 6.36
C ASP B 249 -30.49 2.72 7.40
N GLN B 250 -30.46 3.50 8.48
CA GLN B 250 -29.52 3.29 9.60
C GLN B 250 -29.70 1.91 10.23
N ALA B 251 -30.94 1.51 10.49
CA ALA B 251 -31.17 0.18 11.05
C ALA B 251 -30.71 -0.93 10.09
N LEU B 252 -30.94 -0.75 8.79
CA LEU B 252 -30.57 -1.75 7.82
C LEU B 252 -29.06 -1.93 7.74
N VAL B 253 -28.35 -0.80 7.78
CA VAL B 253 -26.89 -0.83 7.77
C VAL B 253 -26.36 -1.55 9.01
N ARG B 254 -26.90 -1.23 10.19
CA ARG B 254 -26.43 -1.85 11.40
C ARG B 254 -26.68 -3.35 11.35
N LYS B 255 -27.83 -3.73 10.80
CA LYS B 255 -28.20 -5.13 10.78
C LYS B 255 -27.29 -5.93 9.85
N ALA B 256 -27.02 -5.37 8.67
CA ALA B 256 -26.14 -6.04 7.71
C ALA B 256 -24.74 -6.16 8.30
N ALA B 257 -24.30 -5.12 9.02
CA ALA B 257 -22.98 -5.17 9.64
C ALA B 257 -22.92 -6.26 10.68
N LYS B 258 -23.89 -6.31 11.58
CA LYS B 258 -23.88 -7.33 12.63
C LYS B 258 -24.04 -8.72 12.03
N ASP B 259 -24.85 -8.88 10.99
CA ASP B 259 -25.06 -10.20 10.43
C ASP B 259 -23.78 -10.75 9.79
N SER B 260 -22.87 -9.84 9.44
CA SER B 260 -21.62 -10.23 8.78
C SER B 260 -20.60 -10.76 9.77
N VAL B 261 -20.81 -10.53 11.06
CA VAL B 261 -19.84 -10.98 12.06
C VAL B 261 -19.70 -12.50 12.15
N PRO B 262 -20.80 -13.26 12.25
CA PRO B 262 -20.58 -14.72 12.33
C PRO B 262 -19.98 -15.26 11.04
N VAL B 263 -20.30 -14.63 9.92
CA VAL B 263 -19.76 -15.03 8.63
C VAL B 263 -18.26 -14.83 8.64
N MET B 264 -17.84 -13.68 9.15
CA MET B 264 -16.44 -13.38 9.27
C MET B 264 -15.71 -14.42 10.12
N ARG B 265 -16.34 -14.75 11.24
CA ARG B 265 -15.72 -15.62 12.22
C ARG B 265 -15.47 -17.01 11.67
N LYS B 266 -16.41 -17.58 10.92
CA LYS B 266 -16.17 -18.88 10.32
C LYS B 266 -14.99 -18.85 9.36
N LEU B 267 -14.90 -17.81 8.55
CA LEU B 267 -13.76 -17.66 7.64
C LEU B 267 -12.46 -17.47 8.41
N TRP B 268 -12.51 -16.67 9.46
CA TRP B 268 -11.33 -16.33 10.24
C TRP B 268 -10.73 -17.55 10.93
N ASP B 269 -11.60 -18.34 11.57
CA ASP B 269 -11.15 -19.54 12.29
C ASP B 269 -10.36 -20.47 11.38
N GLU B 270 -10.85 -20.64 10.16
CA GLU B 270 -10.20 -21.51 9.18
C GLU B 270 -8.89 -20.86 8.71
N ARG B 271 -8.91 -19.55 8.48
CA ARG B 271 -7.75 -18.85 7.96
C ARG B 271 -6.57 -18.88 8.95
N GLU B 272 -6.85 -18.79 10.26
CA GLU B 272 -5.77 -18.89 11.25
C GLU B 272 -5.01 -20.18 11.09
N GLN B 273 -5.74 -21.27 10.88
CA GLN B 273 -5.11 -22.55 10.67
C GLN B 273 -4.34 -22.60 9.36
N ALA B 274 -4.94 -22.12 8.28
CA ALA B 274 -4.31 -22.16 6.96
C ALA B 274 -3.02 -21.34 6.93
N SER B 275 -3.08 -20.14 7.51
CA SER B 275 -1.93 -19.27 7.50
C SER B 275 -0.78 -19.85 8.29
N ARG B 276 -1.06 -20.42 9.45
CA ARG B 276 0.00 -21.03 10.24
C ARG B 276 0.62 -22.17 9.45
N LYS B 277 -0.21 -23.02 8.86
CA LYS B 277 0.31 -24.14 8.08
C LYS B 277 1.20 -23.68 6.95
N ALA B 278 0.77 -22.64 6.25
CA ALA B 278 1.49 -22.11 5.11
C ALA B 278 2.87 -21.58 5.48
N VAL B 279 2.95 -20.79 6.55
CA VAL B 279 4.24 -20.21 6.92
C VAL B 279 5.18 -21.27 7.53
N GLU B 280 4.64 -22.25 8.22
CA GLU B 280 5.48 -23.36 8.66
C GLU B 280 6.07 -24.09 7.46
N ALA B 281 5.26 -24.29 6.42
CA ALA B 281 5.72 -25.01 5.25
C ALA B 281 6.86 -24.25 4.55
N ALA B 282 6.83 -22.93 4.70
CA ALA B 282 7.85 -22.06 4.11
C ALA B 282 9.11 -21.92 4.98
N GLY B 283 9.10 -22.54 6.15
CA GLY B 283 10.29 -22.60 6.99
C GLY B 283 10.27 -21.76 8.25
N VAL B 284 9.14 -21.15 8.58
CA VAL B 284 9.07 -20.37 9.81
C VAL B 284 9.35 -21.26 11.03
N GLN B 285 10.08 -20.70 11.99
CA GLN B 285 10.34 -21.37 13.26
C GLN B 285 9.34 -20.84 14.28
N VAL B 286 8.47 -21.72 14.78
CA VAL B 286 7.49 -21.37 15.77
C VAL B 286 8.14 -21.55 17.13
N VAL B 287 8.26 -20.46 17.86
CA VAL B 287 9.03 -20.41 19.10
C VAL B 287 8.13 -20.34 20.32
N THR B 288 8.42 -21.21 21.29
CA THR B 288 7.76 -21.21 22.55
C THR B 288 8.50 -20.33 23.53
N VAL B 289 7.79 -19.43 24.17
CA VAL B 289 8.38 -18.45 25.04
C VAL B 289 8.18 -18.92 26.45
N ALA B 290 9.29 -19.21 27.11
CA ALA B 290 9.30 -19.72 28.46
C ALA B 290 8.71 -18.69 29.43
N ASN B 291 8.10 -19.20 30.47
CA ASN B 291 7.71 -18.41 31.63
C ASN B 291 6.81 -17.24 31.29
N LYS B 292 5.63 -17.55 30.76
CA LYS B 292 4.67 -16.53 30.41
C LYS B 292 4.35 -15.56 31.54
N GLN B 293 4.47 -16.02 32.79
CA GLN B 293 4.25 -15.14 33.92
C GLN B 293 5.13 -13.89 33.84
N GLU B 294 6.33 -14.00 33.27
CA GLU B 294 7.23 -12.85 33.22
C GLU B 294 6.64 -11.77 32.31
N PHE B 295 5.94 -12.20 31.27
CA PHE B 295 5.26 -11.27 30.36
C PHE B 295 4.03 -10.66 31.00
N VAL B 296 3.22 -11.48 31.65
CA VAL B 296 2.07 -10.98 32.38
C VAL B 296 2.53 -9.93 33.39
N ASP B 297 3.55 -10.24 34.18
CA ASP B 297 4.02 -9.34 35.20
C ASP B 297 4.53 -8.02 34.60
N ALA B 298 5.27 -8.11 33.50
CA ALA B 298 5.86 -6.93 32.89
C ALA B 298 4.81 -5.98 32.32
N MET B 299 3.72 -6.54 31.81
N MET B 299 3.74 -6.57 31.79
CA MET B 299 2.78 -5.76 31.02
CA MET B 299 2.74 -5.85 31.03
C MET B 299 1.61 -5.26 31.87
C MET B 299 1.68 -5.21 31.91
N LYS B 300 1.37 -5.89 33.00
CA LYS B 300 0.25 -5.51 33.87
C LYS B 300 0.28 -4.05 34.36
N PRO B 301 1.47 -3.46 34.60
CA PRO B 301 1.52 -2.04 34.96
C PRO B 301 0.85 -1.10 33.94
N VAL B 302 0.67 -1.55 32.71
CA VAL B 302 0.01 -0.73 31.70
C VAL B 302 -1.46 -0.47 32.06
N TYR B 303 -2.07 -1.33 32.86
CA TYR B 303 -3.48 -1.13 33.22
C TYR B 303 -3.68 0.12 34.07
N GLN B 304 -2.86 0.29 35.11
CA GLN B 304 -3.01 1.48 35.94
C GLN B 304 -2.67 2.75 35.15
N LYS B 305 -1.69 2.66 34.25
CA LYS B 305 -1.24 3.84 33.52
C LYS B 305 -2.23 4.28 32.45
N PHE B 306 -2.75 3.31 31.71
CA PHE B 306 -3.55 3.65 30.52
C PHE B 306 -5.03 3.40 30.72
N ALA B 307 -5.41 2.71 31.79
CA ALA B 307 -6.81 2.42 32.06
C ALA B 307 -7.13 2.58 33.54
N GLY B 308 -6.50 3.56 34.18
CA GLY B 308 -6.64 3.75 35.61
C GLY B 308 -7.75 4.70 36.03
N ASP B 309 -8.23 5.53 35.10
CA ASP B 309 -9.32 6.45 35.39
C ASP B 309 -10.61 5.69 35.63
N GLU B 310 -11.61 6.40 36.15
CA GLU B 310 -12.87 5.79 36.52
C GLU B 310 -13.52 5.09 35.34
N LYS B 311 -13.58 5.76 34.20
CA LYS B 311 -14.28 5.21 33.05
C LYS B 311 -13.61 3.95 32.51
N LEU B 312 -12.32 4.01 32.26
CA LEU B 312 -11.67 2.87 31.64
C LEU B 312 -11.59 1.72 32.62
N SER B 313 -11.33 2.01 33.90
CA SER B 313 -11.13 0.96 34.88
C SER B 313 -12.44 0.19 35.04
N SER B 314 -13.55 0.90 34.98
CA SER B 314 -14.86 0.29 35.02
C SER B 314 -15.14 -0.62 33.82
N LEU B 315 -14.77 -0.17 32.62
CA LEU B 315 -14.89 -0.99 31.43
C LEU B 315 -14.06 -2.27 31.56
N VAL B 316 -12.83 -2.13 32.02
CA VAL B 316 -11.96 -3.27 32.18
C VAL B 316 -12.54 -4.27 33.15
N LYS B 317 -13.07 -3.79 34.27
CA LYS B 317 -13.68 -4.68 35.25
C LYS B 317 -14.86 -5.44 34.63
N ARG B 318 -15.71 -4.72 33.91
CA ARG B 318 -16.88 -5.34 33.29
C ARG B 318 -16.46 -6.39 32.25
N ILE B 319 -15.38 -6.11 31.53
CA ILE B 319 -14.83 -7.12 30.64
C ILE B 319 -14.35 -8.35 31.40
N GLN B 320 -13.56 -8.13 32.44
CA GLN B 320 -12.99 -9.23 33.23
C GLN B 320 -14.10 -10.08 33.84
N ASP B 321 -15.19 -9.42 34.21
CA ASP B 321 -16.31 -10.10 34.85
C ASP B 321 -17.27 -10.77 33.85
N THR B 322 -17.05 -10.57 32.56
CA THR B 322 -17.93 -11.20 31.57
C THR B 322 -17.61 -12.68 31.48
#